data_5VKZ
#
_entry.id   5VKZ
#
_cell.length_a   116.020
_cell.length_b   116.020
_cell.length_c   161.660
_cell.angle_alpha   90.00
_cell.angle_beta   90.00
_cell.angle_gamma   120.00
#
_symmetry.space_group_name_H-M   'P 32 2 1'
#
_entity_poly.entity_id   1
_entity_poly.type   'polypeptide(L)'
_entity_poly.pdbx_seq_one_letter_code
;MSFDINWSTLESDNRLNDLIRKHLNSYLQNTQLPSYVSNLRVLDFDLGKVGPAITLKEITDPLDEFYDSIREEADQETEE
NNDNKEDSEHICPDRTIANHEGPKDDFEAPVVMPSPNDIQFLLEVEYKGDLLVTIGADLVLNYPVEKFMTLPVKLSISDI
GLHSLCIVACLSKQLFLSFLCDVSDPALDDNQTVLDPKGPILAATKPLERISIVRSMKIETEIGEQYQGQGSVLRSVGEL
EQFLFTIFKDFLRKELAWPSWINLDFNDGDELVPR
;
_entity_poly.pdbx_strand_id   A,B
#
# COMPACT_ATOMS: atom_id res chain seq x y z
N MET A 1 8.10 15.61 31.75
CA MET A 1 8.98 16.55 30.99
C MET A 1 8.68 16.41 29.48
N SER A 2 7.42 16.70 29.10
CA SER A 2 6.94 16.59 27.69
C SER A 2 6.72 17.95 27.03
N PHE A 3 7.83 18.66 26.88
CA PHE A 3 7.83 20.08 26.59
C PHE A 3 7.92 20.28 24.98
N ASP A 4 6.82 20.82 24.40
CA ASP A 4 6.50 21.12 22.94
C ASP A 4 7.58 21.58 21.91
N ILE A 5 7.15 21.73 20.62
CA ILE A 5 7.77 22.52 19.51
C ILE A 5 6.78 23.10 18.46
N ASN A 6 6.95 24.40 18.16
CA ASN A 6 6.36 25.07 16.97
C ASN A 6 7.42 25.66 16.02
N TRP A 7 7.00 26.33 14.93
CA TRP A 7 7.92 26.95 13.94
C TRP A 7 7.26 28.04 13.08
N ARG A 15 14.27 27.97 0.73
CA ARG A 15 13.33 27.86 1.81
C ARG A 15 12.82 26.43 1.90
N LEU A 16 12.52 26.06 3.14
CA LEU A 16 12.21 24.69 3.47
C LEU A 16 11.06 24.14 2.65
N ASN A 17 9.96 24.88 2.66
CA ASN A 17 8.76 24.51 1.91
C ASN A 17 9.06 24.27 0.44
N ASP A 18 9.84 25.18 -0.15
CA ASP A 18 10.15 25.10 -1.58
C ASP A 18 11.04 23.92 -1.88
N LEU A 19 12.00 23.65 -0.98
CA LEU A 19 12.87 22.48 -1.09
C LEU A 19 12.10 21.16 -1.07
N ILE A 20 11.19 21.03 -0.10
CA ILE A 20 10.32 19.87 0.00
C ILE A 20 9.49 19.76 -1.27
N ARG A 21 8.99 20.89 -1.76
CA ARG A 21 8.12 20.89 -2.95
C ARG A 21 8.83 20.37 -4.19
N LYS A 22 10.03 20.87 -4.44
CA LYS A 22 10.79 20.43 -5.61
C LYS A 22 11.23 18.97 -5.49
N HIS A 23 11.59 18.55 -4.28
CA HIS A 23 11.98 17.16 -4.06
C HIS A 23 10.80 16.18 -4.29
N LEU A 24 9.65 16.50 -3.68
CA LEU A 24 8.43 15.73 -3.85
C LEU A 24 7.99 15.71 -5.32
N ASN A 25 8.14 16.86 -6.00
CA ASN A 25 7.87 16.98 -7.44
C ASN A 25 8.72 16.03 -8.24
N SER A 26 10.03 16.02 -7.96
CA SER A 26 10.94 15.04 -8.57
C SER A 26 10.48 13.62 -8.37
N TYR A 27 10.13 13.27 -7.13
CA TYR A 27 9.59 11.94 -6.81
C TYR A 27 8.40 11.59 -7.68
N LEU A 28 7.46 12.53 -7.78
CA LEU A 28 6.24 12.34 -8.55
C LEU A 28 6.49 12.18 -10.04
N GLN A 29 7.37 13.04 -10.58
CA GLN A 29 7.72 12.99 -12.01
C GLN A 29 8.52 11.74 -12.34
N ASN A 30 9.08 11.07 -11.33
CA ASN A 30 9.77 9.81 -11.50
C ASN A 30 8.92 8.58 -11.14
N THR A 31 7.60 8.79 -11.04
CA THR A 31 6.66 7.73 -10.73
C THR A 31 5.87 7.35 -11.98
N GLN A 32 5.83 6.06 -12.28
CA GLN A 32 4.97 5.60 -13.37
C GLN A 32 3.51 5.81 -12.96
N LEU A 33 2.75 6.35 -13.88
CA LEU A 33 1.36 6.69 -13.63
C LEU A 33 0.40 5.67 -14.20
N PRO A 34 -0.69 5.33 -13.46
CA PRO A 34 -1.81 4.51 -13.97
C PRO A 34 -2.50 5.18 -15.15
N SER A 35 -3.45 4.47 -15.76
CA SER A 35 -4.16 4.94 -16.93
C SER A 35 -5.04 6.14 -16.63
N TYR A 36 -5.50 6.25 -15.39
CA TYR A 36 -6.47 7.27 -15.01
C TYR A 36 -5.87 8.63 -14.62
N VAL A 37 -4.54 8.72 -14.61
CA VAL A 37 -3.87 9.99 -14.32
C VAL A 37 -2.72 10.26 -15.29
N SER A 38 -2.79 11.42 -15.91
CA SER A 38 -1.90 11.84 -16.97
C SER A 38 -0.67 12.54 -16.39
N ASN A 39 -0.89 13.36 -15.37
CA ASN A 39 0.13 14.21 -14.84
C ASN A 39 -0.04 14.44 -13.35
N LEU A 40 1.07 14.43 -12.62
CA LEU A 40 1.09 14.80 -11.21
C LEU A 40 2.10 15.93 -11.04
N ARG A 41 1.72 16.92 -10.23
CA ARG A 41 2.61 18.05 -9.93
C ARG A 41 2.23 18.64 -8.56
N VAL A 42 3.23 19.08 -7.81
CA VAL A 42 2.99 19.70 -6.51
C VAL A 42 2.71 21.17 -6.72
N LEU A 43 1.47 21.59 -6.45
CA LEU A 43 1.09 22.98 -6.58
C LEU A 43 1.65 23.78 -5.41
N ASP A 44 1.50 23.24 -4.21
CA ASP A 44 2.04 23.91 -3.03
C ASP A 44 2.34 22.92 -1.91
N PHE A 45 3.39 23.21 -1.16
CA PHE A 45 3.70 22.48 0.04
C PHE A 45 3.81 23.46 1.21
N ASP A 46 3.26 23.08 2.35
CA ASP A 46 3.28 23.97 3.51
C ASP A 46 3.35 23.19 4.80
N LEU A 47 4.51 23.29 5.45
CA LEU A 47 4.74 22.62 6.73
C LEU A 47 3.85 23.15 7.86
N GLY A 48 3.36 24.37 7.69
CA GLY A 48 2.37 24.96 8.58
C GLY A 48 2.99 25.72 9.74
N LYS A 49 2.15 26.01 10.74
CA LYS A 49 2.57 26.82 11.87
C LYS A 49 2.62 25.97 13.12
N VAL A 50 1.97 24.80 13.05
CA VAL A 50 1.79 23.93 14.22
C VAL A 50 2.71 22.74 14.13
N GLY A 51 3.57 22.61 15.15
CA GLY A 51 4.53 21.52 15.23
C GLY A 51 4.16 20.41 16.19
N PRO A 52 5.13 19.48 16.41
CA PRO A 52 4.87 18.27 17.21
C PRO A 52 5.04 18.51 18.70
N ALA A 53 4.41 17.63 19.48
CA ALA A 53 4.69 17.54 20.92
C ALA A 53 5.84 16.58 21.06
N ILE A 54 6.93 17.07 21.63
CA ILE A 54 8.15 16.28 21.75
C ILE A 54 8.43 15.89 23.21
N THR A 55 8.58 14.58 23.43
CA THR A 55 9.07 14.06 24.70
C THR A 55 10.41 13.40 24.50
N LEU A 56 11.41 13.83 25.26
CA LEU A 56 12.68 13.14 25.24
C LEU A 56 12.56 11.82 25.99
N LYS A 57 12.93 10.75 25.31
CA LYS A 57 12.85 9.40 25.87
C LYS A 57 14.18 8.90 26.41
N GLU A 58 15.22 9.06 25.59
CA GLU A 58 16.55 8.62 25.95
C GLU A 58 17.58 9.41 25.18
N ILE A 59 18.81 9.27 25.61
CA ILE A 59 19.87 9.97 24.98
C ILE A 59 21.10 9.10 25.04
N THR A 60 21.75 8.95 23.90
CA THR A 60 22.74 7.91 23.72
C THR A 60 23.85 8.42 22.80
N ASP A 61 24.90 7.61 22.65
CA ASP A 61 25.81 7.70 21.53
C ASP A 61 25.03 7.49 20.25
N PRO A 62 25.44 8.16 19.16
CA PRO A 62 24.77 7.92 17.87
C PRO A 62 24.94 6.46 17.45
N LEU A 63 23.98 5.98 16.66
CA LEU A 63 24.05 4.63 16.10
C LEU A 63 25.28 4.52 15.23
N ASP A 64 25.85 3.33 15.21
CA ASP A 64 27.12 3.14 14.52
C ASP A 64 26.91 3.26 13.01
N GLU A 65 25.66 3.01 12.58
CA GLU A 65 25.30 3.05 11.15
C GLU A 65 25.57 4.42 10.55
N PHE A 66 25.41 5.46 11.35
CA PHE A 66 25.70 6.82 10.93
C PHE A 66 27.18 7.01 10.62
N TYR A 67 28.02 6.65 11.59
CA TYR A 67 29.47 6.69 11.43
C TYR A 67 29.89 5.91 10.20
N ASP A 68 29.32 4.71 10.05
CA ASP A 68 29.54 3.85 8.89
C ASP A 68 29.19 4.56 7.60
N SER A 69 28.07 5.29 7.60
CA SER A 69 27.67 6.04 6.42
C SER A 69 28.70 7.10 6.04
N ILE A 70 29.22 7.79 7.07
CA ILE A 70 30.15 8.89 6.86
C ILE A 70 31.51 8.36 6.37
N ARG A 71 31.94 7.26 6.96
CA ARG A 71 33.21 6.63 6.63
C ARG A 71 33.36 6.21 5.16
N GLU A 72 32.23 6.01 4.50
CA GLU A 72 32.17 5.61 3.11
C GLU A 72 32.25 6.78 2.11
N GLU A 73 31.29 7.71 2.21
CA GLU A 73 31.26 8.96 1.45
C GLU A 73 31.45 10.18 2.37
N ALA A 74 30.41 10.57 3.12
CA ALA A 74 30.41 11.77 4.01
C ALA A 74 31.65 11.95 4.90
N PRO A 116 35.10 10.07 18.44
CA PRO A 116 35.11 11.35 17.76
C PRO A 116 34.42 12.57 18.47
N ASN A 117 33.34 12.30 19.24
CA ASN A 117 32.54 13.19 20.15
C ASN A 117 31.30 13.97 19.65
N ASP A 118 30.14 13.42 19.99
CA ASP A 118 28.82 13.66 19.33
C ASP A 118 27.68 13.21 20.27
N ILE A 119 26.41 13.24 19.83
CA ILE A 119 25.24 12.93 20.67
C ILE A 119 23.99 12.52 19.88
N GLN A 120 23.09 11.74 20.49
CA GLN A 120 21.85 11.34 19.82
C GLN A 120 20.66 11.27 20.75
N PHE A 121 19.57 11.92 20.33
CA PHE A 121 18.34 11.96 21.10
C PHE A 121 17.33 10.95 20.56
N LEU A 122 16.79 10.13 21.45
CA LEU A 122 15.63 9.33 21.14
C LEU A 122 14.39 10.07 21.59
N LEU A 123 13.53 10.36 20.62
CA LEU A 123 12.34 11.18 20.89
C LEU A 123 11.03 10.46 20.62
N GLU A 124 10.08 10.64 21.55
CA GLU A 124 8.68 10.35 21.28
C GLU A 124 8.07 11.60 20.67
N VAL A 125 7.54 11.46 19.46
CA VAL A 125 7.01 12.61 18.71
C VAL A 125 5.53 12.38 18.46
N GLU A 126 4.71 13.35 18.90
CA GLU A 126 3.28 13.29 18.65
C GLU A 126 2.81 14.49 17.79
N TYR A 127 2.48 14.22 16.54
CA TYR A 127 2.12 15.26 15.58
C TYR A 127 0.65 15.22 15.21
N LYS A 128 -0.01 16.35 15.43
CA LYS A 128 -1.32 16.57 14.85
C LYS A 128 -1.33 18.02 14.39
N GLY A 129 -0.36 18.34 13.54
CA GLY A 129 -0.19 19.67 13.03
C GLY A 129 -0.90 19.94 11.72
N ASP A 130 -0.60 21.12 11.19
CA ASP A 130 -1.37 21.67 10.07
C ASP A 130 -0.62 21.57 8.74
N LEU A 131 0.14 20.50 8.54
CA LEU A 131 0.81 20.29 7.26
C LEU A 131 -0.22 20.21 6.14
N LEU A 132 0.11 20.78 4.98
CA LEU A 132 -0.77 20.75 3.83
C LEU A 132 -0.03 20.65 2.50
N VAL A 133 -0.36 19.60 1.75
CA VAL A 133 0.15 19.42 0.39
C VAL A 133 -1.00 19.58 -0.58
N THR A 134 -0.83 20.48 -1.54
CA THR A 134 -1.80 20.60 -2.63
C THR A 134 -1.16 20.15 -3.94
N ILE A 135 -1.75 19.10 -4.50
CA ILE A 135 -1.22 18.44 -5.68
C ILE A 135 -2.17 18.58 -6.85
N GLY A 136 -1.62 18.98 -8.00
CA GLY A 136 -2.38 19.06 -9.25
C GLY A 136 -2.29 17.78 -10.04
N ALA A 137 -3.45 17.31 -10.50
CA ALA A 137 -3.49 16.07 -11.24
C ALA A 137 -4.38 16.23 -12.45
N ASP A 138 -3.99 15.56 -13.54
CA ASP A 138 -4.83 15.46 -14.73
C ASP A 138 -5.54 14.12 -14.74
N LEU A 139 -6.79 14.12 -14.27
CA LEU A 139 -7.59 12.90 -14.17
C LEU A 139 -8.04 12.49 -15.55
N VAL A 140 -7.82 11.23 -15.90
CA VAL A 140 -8.19 10.72 -17.19
C VAL A 140 -9.45 9.86 -17.09
N LEU A 141 -10.52 10.35 -17.67
CA LEU A 141 -11.78 9.59 -17.75
C LEU A 141 -11.80 8.69 -18.94
N ASN A 142 -11.96 7.40 -18.67
CA ASN A 142 -11.99 6.39 -19.74
C ASN A 142 -13.33 5.67 -19.81
N TYR A 143 -14.37 6.23 -19.19
CA TYR A 143 -15.62 5.48 -19.07
C TYR A 143 -16.24 5.03 -20.42
N PRO A 144 -16.48 5.99 -21.32
CA PRO A 144 -16.73 5.66 -22.71
C PRO A 144 -15.47 5.94 -23.52
N VAL A 145 -14.97 4.98 -24.31
CA VAL A 145 -13.70 5.13 -25.06
C VAL A 145 -12.49 4.99 -24.10
N GLU A 146 -11.28 5.12 -24.62
CA GLU A 146 -10.11 5.25 -23.78
C GLU A 146 -9.58 6.67 -23.90
N LYS A 147 -9.31 7.30 -22.76
CA LYS A 147 -8.99 8.74 -22.71
C LYS A 147 -10.13 9.58 -23.29
N PHE A 148 -11.34 9.34 -22.76
CA PHE A 148 -12.54 10.12 -23.13
C PHE A 148 -12.30 11.58 -22.82
N MET A 149 -11.83 11.85 -21.60
CA MET A 149 -11.67 13.21 -21.16
C MET A 149 -10.50 13.36 -20.21
N THR A 150 -9.98 14.58 -20.11
CA THR A 150 -9.05 14.92 -19.06
C THR A 150 -9.58 16.08 -18.22
N LEU A 151 -9.68 15.87 -16.93
CA LEU A 151 -10.11 16.90 -16.00
C LEU A 151 -8.89 17.33 -15.20
N PRO A 152 -8.45 18.59 -15.33
CA PRO A 152 -7.60 19.12 -14.28
C PRO A 152 -8.34 19.12 -12.95
N VAL A 153 -7.62 18.66 -11.93
CA VAL A 153 -8.21 18.31 -10.64
C VAL A 153 -7.18 18.63 -9.60
N LYS A 154 -7.63 19.03 -8.41
CA LYS A 154 -6.60 19.23 -7.37
C LYS A 154 -6.91 18.52 -6.08
N LEU A 155 -5.92 17.77 -5.61
CA LEU A 155 -6.06 17.02 -4.36
C LEU A 155 -5.36 17.71 -3.22
N SER A 156 -5.93 17.55 -2.03
CA SER A 156 -5.39 18.12 -0.81
C SER A 156 -5.12 17.02 0.19
N ILE A 157 -3.83 16.83 0.48
CA ILE A 157 -3.38 15.96 1.54
C ILE A 157 -3.18 16.82 2.78
N SER A 158 -3.88 16.47 3.86
CA SER A 158 -3.91 17.30 5.05
C SER A 158 -4.11 16.47 6.30
N ASP A 159 -4.18 17.16 7.44
CA ASP A 159 -4.53 16.59 8.73
C ASP A 159 -3.72 15.34 9.03
N ILE A 160 -2.39 15.46 8.94
CA ILE A 160 -1.55 14.29 9.15
C ILE A 160 -1.42 13.96 10.64
N GLY A 161 -1.74 12.72 10.99
CA GLY A 161 -1.62 12.24 12.36
C GLY A 161 -0.40 11.35 12.48
N LEU A 162 0.34 11.53 13.56
CA LEU A 162 1.58 10.79 13.76
C LEU A 162 1.86 10.65 15.24
N HIS A 163 2.40 9.49 15.64
CA HIS A 163 2.80 9.26 17.03
C HIS A 163 3.84 8.18 17.04
N SER A 164 5.10 8.59 17.03
CA SER A 164 6.16 7.65 16.73
C SER A 164 7.48 8.03 17.36
N LEU A 165 8.30 7.01 17.59
CA LEU A 165 9.67 7.17 18.02
C LEU A 165 10.56 7.48 16.85
N CYS A 166 11.23 8.62 16.95
CA CYS A 166 12.25 9.01 15.98
C CYS A 166 13.57 9.27 16.72
N ILE A 167 14.62 9.51 15.96
CA ILE A 167 15.93 9.83 16.54
C ILE A 167 16.52 11.04 15.85
N VAL A 168 17.23 11.85 16.62
CA VAL A 168 17.94 13.00 16.07
C VAL A 168 19.41 12.93 16.50
N ALA A 169 20.29 12.81 15.52
CA ALA A 169 21.68 12.56 15.81
C ALA A 169 22.62 13.70 15.35
N CYS A 170 23.40 14.22 16.30
CA CYS A 170 24.47 15.16 16.00
C CYS A 170 25.78 14.39 15.85
N LEU A 171 26.34 14.42 14.65
CA LEU A 171 27.67 13.86 14.40
C LEU A 171 28.46 14.93 13.68
N SER A 172 29.34 15.57 14.42
CA SER A 172 30.06 16.81 14.12
C SER A 172 30.45 17.14 12.65
N LYS A 173 29.64 17.97 11.98
CA LYS A 173 28.37 18.41 12.53
C LYS A 173 27.33 18.18 11.47
N GLN A 174 27.26 16.95 11.01
CA GLN A 174 26.16 16.54 10.15
C GLN A 174 25.00 16.24 11.10
N LEU A 175 23.79 16.51 10.63
CA LEU A 175 22.61 16.22 11.43
C LEU A 175 21.79 15.13 10.78
N PHE A 176 21.42 14.14 11.59
CA PHE A 176 20.62 13.02 11.13
C PHE A 176 19.25 13.04 11.79
N LEU A 177 18.20 12.91 10.99
CA LEU A 177 16.86 12.74 11.51
C LEU A 177 16.19 11.55 10.89
N SER A 178 15.63 10.67 11.72
CA SER A 178 14.97 9.47 11.21
C SER A 178 13.84 9.01 12.13
N PHE A 179 12.69 8.72 11.53
CA PHE A 179 11.61 8.10 12.26
C PHE A 179 11.86 6.59 12.34
N LEU A 180 11.98 6.11 13.57
CA LEU A 180 12.18 4.68 13.79
C LEU A 180 10.90 3.88 13.56
N CYS A 181 9.90 4.09 14.40
CA CYS A 181 8.69 3.26 14.36
C CYS A 181 7.54 3.93 15.08
N ASP A 182 6.32 3.44 14.88
CA ASP A 182 5.16 3.96 15.60
C ASP A 182 5.24 3.54 17.06
N VAL A 183 4.68 4.37 17.95
CA VAL A 183 4.73 4.17 19.41
C VAL A 183 4.17 2.83 19.85
N SER A 184 3.09 2.40 19.20
CA SER A 184 2.42 1.17 19.60
C SER A 184 2.81 -0.03 18.72
N ASP A 185 4.02 0.00 18.16
CA ASP A 185 4.54 -1.11 17.34
C ASP A 185 4.77 -2.32 18.22
N PRO A 186 4.27 -3.50 17.78
CA PRO A 186 4.36 -4.74 18.54
C PRO A 186 5.79 -5.12 18.96
N ALA A 187 6.79 -4.72 18.16
CA ALA A 187 8.20 -5.00 18.44
C ALA A 187 8.73 -4.27 19.66
N LEU A 188 7.82 -3.56 20.34
CA LEU A 188 8.15 -2.87 21.55
C LEU A 188 7.48 -3.54 22.73
N ASP A 189 6.51 -4.43 22.48
CA ASP A 189 5.81 -5.17 23.55
C ASP A 189 6.66 -5.93 24.60
N ASP A 190 7.58 -6.79 24.14
CA ASP A 190 8.53 -7.53 25.01
C ASP A 190 9.41 -6.62 25.93
N ASN A 191 9.15 -5.33 25.87
CA ASN A 191 9.66 -4.28 26.75
C ASN A 191 11.15 -4.02 26.64
N GLN A 192 11.66 -4.05 25.42
CA GLN A 192 13.06 -3.79 25.18
C GLN A 192 13.24 -2.52 24.35
N THR A 193 14.36 -1.84 24.58
CA THR A 193 14.74 -0.61 23.86
C THR A 193 14.67 -0.71 22.33
N VAL A 194 14.29 0.40 21.72
CA VAL A 194 14.24 0.52 20.28
C VAL A 194 15.67 0.55 19.71
N LEU A 195 16.57 1.18 20.46
CA LEU A 195 17.93 1.41 20.01
C LEU A 195 18.77 0.16 19.95
N ASP A 196 18.15 -0.98 20.25
CA ASP A 196 18.83 -2.25 20.06
C ASP A 196 19.00 -2.50 18.56
N PRO A 197 20.27 -2.51 18.06
CA PRO A 197 20.54 -2.69 16.63
C PRO A 197 20.22 -4.09 16.10
N LYS A 198 20.26 -5.06 16.99
CA LYS A 198 19.95 -6.44 16.63
C LYS A 198 18.46 -6.71 16.82
N GLY A 199 17.77 -5.76 17.45
CA GLY A 199 16.33 -5.80 17.58
C GLY A 199 15.62 -5.59 16.26
N PRO A 200 14.29 -5.79 16.24
CA PRO A 200 13.53 -5.82 14.98
C PRO A 200 13.50 -4.48 14.25
N ILE A 201 13.18 -3.42 15.00
CA ILE A 201 12.99 -2.08 14.47
C ILE A 201 14.22 -1.59 13.72
N LEU A 202 15.35 -1.62 14.41
CA LEU A 202 16.59 -1.10 13.86
C LEU A 202 17.20 -1.96 12.78
N ALA A 203 17.02 -3.28 12.92
CA ALA A 203 17.53 -4.21 11.92
C ALA A 203 16.78 -4.06 10.61
N ALA A 204 15.50 -3.65 10.68
CA ALA A 204 14.66 -3.37 9.52
C ALA A 204 14.59 -4.53 8.52
N THR A 205 14.58 -5.75 9.07
CA THR A 205 14.55 -6.98 8.28
C THR A 205 13.12 -7.40 7.97
N LYS A 206 12.16 -6.92 8.75
CA LYS A 206 10.75 -7.24 8.53
C LYS A 206 9.87 -6.00 8.36
N PRO A 207 9.98 -5.29 7.22
CA PRO A 207 9.24 -4.05 6.99
C PRO A 207 7.72 -4.25 6.95
N LEU A 208 7.29 -5.45 6.54
CA LEU A 208 5.90 -5.83 6.53
C LEU A 208 5.23 -5.81 7.90
N GLU A 209 5.99 -6.24 8.91
CA GLU A 209 5.47 -6.38 10.25
C GLU A 209 5.49 -5.05 11.03
N ARG A 210 6.03 -4.00 10.41
CA ARG A 210 6.03 -2.67 11.01
C ARG A 210 4.69 -1.99 10.87
N ILE A 211 4.25 -1.33 11.94
CA ILE A 211 3.09 -0.46 11.91
C ILE A 211 3.46 0.81 11.17
N SER A 212 2.52 1.32 10.38
CA SER A 212 2.74 2.53 9.60
C SER A 212 2.98 3.72 10.50
N ILE A 213 4.01 4.49 10.15
CA ILE A 213 4.41 5.69 10.88
C ILE A 213 3.28 6.70 10.89
N VAL A 214 2.71 6.90 9.70
CA VAL A 214 1.58 7.80 9.47
C VAL A 214 0.32 7.12 9.96
N ARG A 215 -0.27 7.66 11.03
CA ARG A 215 -1.45 7.09 11.64
C ARG A 215 -2.72 7.46 10.92
N SER A 216 -2.85 8.75 10.62
CA SER A 216 -3.98 9.22 9.84
C SER A 216 -3.53 10.23 8.79
N MET A 217 -4.41 10.48 7.84
CA MET A 217 -4.12 11.37 6.71
C MET A 217 -5.44 11.58 6.00
N LYS A 218 -5.69 12.83 5.61
CA LYS A 218 -6.93 13.15 4.94
C LYS A 218 -6.65 13.56 3.50
N ILE A 219 -7.38 12.96 2.58
CA ILE A 219 -7.31 13.38 1.18
C ILE A 219 -8.68 13.83 0.69
N GLU A 220 -8.72 15.05 0.18
CA GLU A 220 -9.89 15.57 -0.49
C GLU A 220 -9.53 15.89 -1.95
N THR A 221 -10.54 15.92 -2.81
CA THR A 221 -10.33 16.28 -4.20
C THR A 221 -11.33 17.33 -4.65
N GLU A 222 -10.82 18.32 -5.37
CA GLU A 222 -11.66 19.33 -5.96
C GLU A 222 -11.85 19.07 -7.43
N ILE A 223 -13.12 18.83 -7.77
CA ILE A 223 -13.59 18.58 -9.12
C ILE A 223 -14.72 19.54 -9.40
N GLY A 224 -15.01 19.67 -10.70
CA GLY A 224 -16.08 20.47 -11.19
C GLY A 224 -17.44 19.96 -10.78
N GLU A 225 -18.26 20.90 -10.36
CA GLU A 225 -19.74 20.94 -10.48
C GLU A 225 -20.34 19.89 -11.31
N GLN A 226 -19.85 19.93 -12.53
CA GLN A 226 -20.40 19.25 -13.65
C GLN A 226 -20.19 17.77 -13.51
N TYR A 227 -19.23 17.37 -12.70
CA TYR A 227 -18.85 15.97 -12.68
C TYR A 227 -19.32 15.28 -11.42
N GLN A 228 -19.93 16.04 -10.52
CA GLN A 228 -20.31 15.48 -9.22
C GLN A 228 -21.44 14.48 -9.30
N GLY A 229 -22.15 14.50 -10.43
CA GLY A 229 -23.25 13.58 -10.70
C GLY A 229 -22.79 12.22 -11.15
N GLN A 230 -21.84 12.19 -12.09
CA GLN A 230 -21.42 10.96 -12.73
C GLN A 230 -20.62 10.06 -11.78
N GLY A 231 -21.03 8.79 -11.72
CA GLY A 231 -20.41 7.81 -10.81
C GLY A 231 -19.06 7.33 -11.31
N SER A 232 -18.90 7.33 -12.63
CA SER A 232 -17.65 6.94 -13.27
C SER A 232 -16.52 7.87 -12.88
N VAL A 233 -16.80 9.16 -12.94
CA VAL A 233 -15.86 10.19 -12.50
C VAL A 233 -15.52 10.01 -11.05
N LEU A 234 -16.55 9.88 -10.21
CA LEU A 234 -16.37 9.71 -8.77
C LEU A 234 -15.46 8.52 -8.44
N ARG A 235 -15.66 7.42 -9.18
CA ARG A 235 -14.83 6.22 -9.07
C ARG A 235 -13.39 6.47 -9.47
N SER A 236 -13.18 7.16 -10.60
CA SER A 236 -11.84 7.50 -11.06
C SER A 236 -11.13 8.33 -10.00
N VAL A 237 -11.86 9.30 -9.43
CA VAL A 237 -11.34 10.18 -8.38
C VAL A 237 -10.95 9.38 -7.16
N GLY A 238 -11.78 8.41 -6.79
CA GLY A 238 -11.49 7.50 -5.69
C GLY A 238 -10.18 6.76 -5.90
N GLU A 239 -10.04 6.16 -7.08
CA GLU A 239 -8.85 5.43 -7.50
C GLU A 239 -7.62 6.32 -7.37
N LEU A 240 -7.74 7.56 -7.88
CA LEU A 240 -6.66 8.54 -7.82
C LEU A 240 -6.26 8.91 -6.40
N GLU A 241 -7.28 9.08 -5.56
CA GLU A 241 -7.09 9.42 -4.15
C GLU A 241 -6.29 8.33 -3.46
N GLN A 242 -6.70 7.08 -3.68
CA GLN A 242 -6.01 5.93 -3.11
C GLN A 242 -4.58 5.84 -3.57
N PHE A 243 -4.39 5.95 -4.89
CA PHE A 243 -3.07 5.93 -5.50
C PHE A 243 -2.15 7.00 -4.90
N LEU A 244 -2.66 8.23 -4.78
CA LEU A 244 -1.88 9.33 -4.23
C LEU A 244 -1.56 9.12 -2.75
N PHE A 245 -2.51 8.56 -2.00
CA PHE A 245 -2.31 8.20 -0.60
C PHE A 245 -1.10 7.27 -0.46
N THR A 246 -1.13 6.14 -1.16
CA THR A 246 -0.04 5.16 -1.13
C THR A 246 1.29 5.73 -1.61
N ILE A 247 1.23 6.56 -2.66
CA ILE A 247 2.42 7.21 -3.22
C ILE A 247 3.08 8.11 -2.18
N PHE A 248 2.27 8.94 -1.53
CA PHE A 248 2.77 9.88 -0.53
C PHE A 248 3.38 9.14 0.66
N LYS A 249 2.69 8.13 1.18
CA LYS A 249 3.21 7.33 2.30
C LYS A 249 4.52 6.64 1.93
N ASP A 250 4.60 6.17 0.68
CA ASP A 250 5.78 5.59 0.14
C ASP A 250 6.94 6.58 0.18
N PHE A 251 6.69 7.77 -0.37
CA PHE A 251 7.65 8.88 -0.36
C PHE A 251 8.17 9.19 1.06
N LEU A 252 7.25 9.34 2.01
CA LEU A 252 7.60 9.56 3.41
C LEU A 252 8.44 8.45 4.01
N ARG A 253 8.11 7.20 3.70
CA ARG A 253 8.91 6.06 4.14
C ARG A 253 10.32 6.04 3.54
N LYS A 254 10.43 6.45 2.28
CA LYS A 254 11.70 6.48 1.57
C LYS A 254 12.56 7.66 1.98
N GLU A 255 11.96 8.67 2.62
CA GLU A 255 12.67 9.90 2.95
C GLU A 255 12.96 10.04 4.43
N LEU A 256 12.10 9.44 5.24
CA LEU A 256 12.12 9.69 6.69
C LEU A 256 12.16 8.50 7.61
N ALA A 257 11.68 7.38 7.12
CA ALA A 257 11.54 6.23 7.97
C ALA A 257 12.81 5.38 7.92
N TRP A 258 13.32 5.01 9.09
CA TRP A 258 14.45 4.09 9.23
C TRP A 258 14.19 2.84 8.39
N PRO A 259 15.19 2.33 7.65
CA PRO A 259 16.59 2.78 7.67
C PRO A 259 16.94 4.02 6.84
N SER A 260 15.95 4.67 6.22
CA SER A 260 16.19 5.94 5.52
C SER A 260 16.30 7.02 6.57
N TRP A 261 16.86 8.16 6.18
CA TRP A 261 16.97 9.32 7.06
C TRP A 261 17.19 10.62 6.29
N ILE A 262 16.98 11.74 7.00
CA ILE A 262 17.32 13.07 6.50
C ILE A 262 18.70 13.48 6.98
N ASN A 263 19.60 13.67 6.01
CA ASN A 263 20.98 14.02 6.27
C ASN A 263 21.26 15.46 5.94
N LEU A 264 21.82 16.18 6.91
CA LEU A 264 22.29 17.56 6.71
C LEU A 264 23.80 17.72 6.85
N ARG B 15 -6.00 -25.94 -17.58
CA ARG B 15 -6.10 -26.22 -16.13
C ARG B 15 -6.08 -24.93 -15.35
N LEU B 16 -6.82 -24.96 -14.25
CA LEU B 16 -7.12 -23.77 -13.48
C LEU B 16 -5.84 -23.15 -12.95
N ASN B 17 -5.08 -23.97 -12.22
CA ASN B 17 -3.80 -23.56 -11.63
C ASN B 17 -2.89 -22.90 -12.65
N ASP B 18 -2.78 -23.52 -13.81
CA ASP B 18 -1.89 -23.05 -14.88
C ASP B 18 -2.37 -21.71 -15.43
N LEU B 19 -3.69 -21.59 -15.60
CA LEU B 19 -4.30 -20.34 -16.04
C LEU B 19 -4.03 -19.16 -15.11
N ILE B 20 -4.23 -19.41 -13.81
CA ILE B 20 -3.95 -18.41 -12.79
C ILE B 20 -2.47 -18.05 -12.84
N ARG B 21 -1.61 -19.07 -13.01
CA ARG B 21 -0.17 -18.85 -13.01
C ARG B 21 0.29 -17.94 -14.15
N LYS B 22 -0.18 -18.23 -15.36
CA LYS B 22 0.20 -17.43 -16.52
C LYS B 22 -0.38 -16.00 -16.45
N HIS B 23 -1.61 -15.88 -15.93
CA HIS B 23 -2.21 -14.55 -15.77
C HIS B 23 -1.44 -13.68 -14.75
N LEU B 24 -1.17 -14.27 -13.58
CA LEU B 24 -0.37 -13.63 -12.54
C LEU B 24 1.02 -13.27 -13.03
N ASN B 25 1.61 -14.18 -13.83
CA ASN B 25 2.91 -13.94 -14.46
C ASN B 25 2.89 -12.73 -15.36
N SER B 26 1.87 -12.63 -16.21
CA SER B 26 1.65 -11.44 -17.04
C SER B 26 1.59 -10.16 -16.20
N TYR B 27 0.79 -10.20 -15.14
CA TYR B 27 0.68 -9.08 -14.21
C TYR B 27 2.03 -8.66 -13.65
N LEU B 28 2.82 -9.65 -13.22
CA LEU B 28 4.15 -9.41 -12.66
C LEU B 28 5.14 -8.83 -13.68
N GLN B 29 5.14 -9.40 -14.89
CA GLN B 29 6.02 -8.94 -15.97
C GLN B 29 5.61 -7.54 -16.47
N ASN B 30 4.40 -7.11 -16.14
CA ASN B 30 3.95 -5.75 -16.44
C ASN B 30 4.03 -4.79 -15.24
N THR B 31 4.79 -5.20 -14.22
CA THR B 31 4.98 -4.39 -13.03
C THR B 31 6.39 -3.79 -13.01
N GLN B 32 6.48 -2.49 -12.78
CA GLN B 32 7.77 -1.85 -12.62
C GLN B 32 8.40 -2.34 -11.31
N LEU B 33 9.67 -2.68 -11.41
CA LEU B 33 10.41 -3.25 -10.28
C LEU B 33 11.31 -2.23 -9.59
N PRO B 34 11.37 -2.26 -8.24
CA PRO B 34 12.33 -1.47 -7.44
C PRO B 34 13.77 -1.85 -7.77
N SER B 35 14.72 -1.11 -7.18
CA SER B 35 16.15 -1.31 -7.39
C SER B 35 16.65 -2.66 -6.93
N TYR B 36 15.99 -3.21 -5.89
CA TYR B 36 16.47 -4.41 -5.21
C TYR B 36 16.00 -5.73 -5.83
N VAL B 37 15.17 -5.66 -6.85
CA VAL B 37 14.70 -6.86 -7.53
C VAL B 37 14.77 -6.70 -9.05
N SER B 38 15.43 -7.67 -9.67
CA SER B 38 15.72 -7.67 -11.10
C SER B 38 14.61 -8.36 -11.91
N ASN B 39 14.08 -9.43 -11.34
CA ASN B 39 13.13 -10.27 -12.04
C ASN B 39 12.13 -10.91 -11.10
N LEU B 40 10.87 -10.95 -11.51
CA LEU B 40 9.82 -11.67 -10.81
C LEU B 40 9.17 -12.65 -11.75
N ARG B 41 8.90 -13.85 -11.26
CA ARG B 41 8.24 -14.90 -12.03
C ARG B 41 7.49 -15.87 -11.10
N VAL B 42 6.33 -16.35 -11.55
CA VAL B 42 5.58 -17.34 -10.78
C VAL B 42 6.12 -18.72 -11.09
N LEU B 43 6.72 -19.36 -10.09
CA LEU B 43 7.24 -20.72 -10.25
C LEU B 43 6.09 -21.72 -10.24
N ASP B 44 5.17 -21.54 -9.30
CA ASP B 44 4.02 -22.44 -9.21
C ASP B 44 2.85 -21.76 -8.53
N PHE B 45 1.65 -22.13 -8.97
CA PHE B 45 0.41 -21.73 -8.30
C PHE B 45 -0.41 -22.96 -7.95
N ASP B 46 -1.01 -22.97 -6.77
CA ASP B 46 -1.80 -24.12 -6.32
C ASP B 46 -2.97 -23.69 -5.45
N LEU B 47 -4.17 -23.84 -6.00
CA LEU B 47 -5.40 -23.51 -5.29
C LEU B 47 -5.66 -24.41 -4.07
N GLY B 48 -5.04 -25.58 -4.07
CA GLY B 48 -5.06 -26.50 -2.95
C GLY B 48 -6.24 -27.43 -2.97
N LYS B 49 -6.53 -28.04 -1.83
CA LYS B 49 -7.60 -29.01 -1.74
C LYS B 49 -8.76 -28.43 -0.95
N VAL B 50 -8.45 -27.41 -0.16
CA VAL B 50 -9.39 -26.84 0.81
C VAL B 50 -9.95 -25.52 0.32
N GLY B 51 -11.28 -25.50 0.20
CA GLY B 51 -12.02 -24.34 -0.27
C GLY B 51 -12.76 -23.61 0.83
N PRO B 52 -13.62 -22.63 0.45
CA PRO B 52 -14.25 -21.72 1.41
C PRO B 52 -15.51 -22.30 2.05
N ALA B 53 -15.83 -21.77 3.23
CA ALA B 53 -17.11 -22.04 3.88
C ALA B 53 -18.07 -20.98 3.37
N ILE B 54 -19.15 -21.44 2.75
CA ILE B 54 -20.09 -20.54 2.11
C ILE B 54 -21.42 -20.49 2.84
N THR B 55 -21.83 -19.29 3.23
CA THR B 55 -23.15 -19.06 3.82
C THR B 55 -23.97 -18.17 2.89
N LEU B 56 -25.16 -18.64 2.50
CA LEU B 56 -26.04 -17.78 1.71
C LEU B 56 -26.66 -16.73 2.59
N LYS B 57 -26.50 -15.48 2.18
CA LYS B 57 -27.01 -14.32 2.92
C LYS B 57 -28.32 -13.79 2.37
N GLU B 58 -28.34 -13.60 1.06
CA GLU B 58 -29.51 -13.09 0.39
C GLU B 58 -29.50 -13.49 -1.06
N ILE B 59 -30.63 -13.30 -1.70
CA ILE B 59 -30.76 -13.68 -3.07
C ILE B 59 -31.69 -12.69 -3.75
N THR B 60 -31.22 -12.19 -4.88
CA THR B 60 -31.80 -11.00 -5.49
C THR B 60 -31.75 -11.13 -7.00
N ASP B 61 -32.39 -10.17 -7.67
CA ASP B 61 -32.13 -9.88 -9.08
C ASP B 61 -30.66 -9.48 -9.21
N PRO B 62 -30.02 -9.80 -10.35
CA PRO B 62 -28.65 -9.36 -10.54
C PRO B 62 -28.55 -7.84 -10.56
N LEU B 63 -27.39 -7.32 -10.17
CA LEU B 63 -27.14 -5.88 -10.20
C LEU B 63 -27.27 -5.38 -11.61
N ASP B 64 -27.72 -4.14 -11.75
CA ASP B 64 -28.00 -3.59 -13.07
C ASP B 64 -26.69 -3.37 -13.82
N GLU B 65 -25.61 -3.22 -13.05
CA GLU B 65 -24.27 -2.97 -13.60
C GLU B 65 -23.82 -4.09 -14.53
N PHE B 66 -24.24 -5.31 -14.22
CA PHE B 66 -23.96 -6.45 -15.09
C PHE B 66 -24.62 -6.32 -16.46
N TYR B 67 -25.93 -6.08 -16.45
CA TYR B 67 -26.70 -5.84 -17.66
C TYR B 67 -26.07 -4.71 -18.46
N ASP B 68 -25.74 -3.63 -17.77
CA ASP B 68 -25.05 -2.47 -18.34
C ASP B 68 -23.75 -2.85 -19.01
N SER B 69 -22.98 -3.73 -18.37
CA SER B 69 -21.73 -4.21 -18.94
C SER B 69 -21.96 -4.93 -20.26
N ILE B 70 -22.99 -5.77 -20.27
CA ILE B 70 -23.29 -6.60 -21.44
C ILE B 70 -23.80 -5.72 -22.60
N ARG B 71 -24.67 -4.77 -22.27
CA ARG B 71 -25.30 -3.85 -23.21
C ARG B 71 -24.33 -3.10 -24.10
N GLU B 72 -23.15 -2.85 -23.54
CA GLU B 72 -22.14 -2.06 -24.21
C GLU B 72 -21.37 -2.88 -25.21
N GLU B 73 -20.59 -3.84 -24.72
CA GLU B 73 -19.87 -4.84 -25.56
C GLU B 73 -19.83 -6.18 -24.84
N PRO B 114 -33.67 -9.95 -20.11
CA PRO B 114 -33.03 -11.24 -19.86
C PRO B 114 -32.93 -12.16 -21.11
N SER B 115 -32.29 -13.33 -20.93
CA SER B 115 -32.41 -14.48 -21.85
C SER B 115 -33.26 -15.56 -21.05
N PRO B 116 -32.76 -16.77 -20.60
CA PRO B 116 -33.63 -17.27 -19.47
C PRO B 116 -33.68 -16.44 -18.16
N ASN B 117 -34.49 -16.89 -17.21
CA ASN B 117 -34.77 -15.99 -16.11
C ASN B 117 -33.77 -15.98 -14.96
N ASP B 118 -33.09 -14.83 -14.86
CA ASP B 118 -31.80 -14.68 -14.18
C ASP B 118 -31.88 -14.61 -12.65
N ILE B 119 -30.73 -14.68 -11.98
CA ILE B 119 -30.65 -14.77 -10.49
C ILE B 119 -29.28 -14.36 -9.93
N GLN B 120 -29.24 -13.91 -8.66
CA GLN B 120 -27.97 -13.54 -8.03
C GLN B 120 -27.92 -13.87 -6.55
N PHE B 121 -26.83 -14.52 -6.14
CA PHE B 121 -26.63 -14.89 -4.74
C PHE B 121 -25.66 -13.96 -4.04
N LEU B 122 -26.10 -13.43 -2.90
CA LEU B 122 -25.20 -12.75 -1.99
C LEU B 122 -24.66 -13.73 -0.98
N LEU B 123 -23.35 -13.89 -0.98
CA LEU B 123 -22.71 -14.90 -0.13
C LEU B 123 -21.74 -14.32 0.90
N GLU B 124 -21.80 -14.85 2.11
CA GLU B 124 -20.72 -14.70 3.08
C GLU B 124 -19.73 -15.83 2.84
N VAL B 125 -18.48 -15.46 2.55
CA VAL B 125 -17.44 -16.44 2.21
C VAL B 125 -16.33 -16.38 3.24
N GLU B 126 -16.05 -17.52 3.87
CA GLU B 126 -14.97 -17.59 4.85
C GLU B 126 -13.90 -18.58 4.38
N TYR B 127 -12.74 -18.05 3.97
CA TYR B 127 -11.64 -18.87 3.45
C TYR B 127 -10.48 -18.93 4.44
N LYS B 128 -10.11 -20.15 4.80
CA LYS B 128 -8.84 -20.36 5.47
C LYS B 128 -8.23 -21.62 4.88
N GLY B 129 -8.17 -21.62 3.55
CA GLY B 129 -7.71 -22.76 2.79
C GLY B 129 -6.21 -22.79 2.57
N ASP B 130 -5.83 -23.77 1.75
CA ASP B 130 -4.42 -24.14 1.61
C ASP B 130 -3.82 -23.64 0.29
N LEU B 131 -4.25 -22.47 -0.16
CA LEU B 131 -3.69 -21.87 -1.37
C LEU B 131 -2.20 -21.65 -1.18
N LEU B 132 -1.42 -21.83 -2.24
CA LEU B 132 0.02 -21.62 -2.22
C LEU B 132 0.58 -21.07 -3.54
N VAL B 133 1.24 -19.92 -3.45
CA VAL B 133 1.94 -19.33 -4.58
C VAL B 133 3.44 -19.34 -4.30
N THR B 134 4.20 -19.92 -5.23
CA THR B 134 5.65 -19.89 -5.13
C THR B 134 6.23 -19.03 -6.25
N ILE B 135 6.92 -17.97 -5.84
CA ILE B 135 7.41 -16.95 -6.77
C ILE B 135 8.92 -16.89 -6.77
N GLY B 136 9.53 -16.87 -7.96
CA GLY B 136 10.98 -16.73 -8.14
C GLY B 136 11.41 -15.29 -8.34
N ALA B 137 12.46 -14.88 -7.64
CA ALA B 137 12.90 -13.49 -7.67
C ALA B 137 14.41 -13.42 -7.74
N ASP B 138 14.91 -12.41 -8.45
CA ASP B 138 16.33 -12.09 -8.46
C ASP B 138 16.63 -10.90 -7.59
N LEU B 139 17.10 -11.18 -6.37
CA LEU B 139 17.37 -10.12 -5.38
C LEU B 139 18.64 -9.42 -5.75
N VAL B 140 18.58 -8.10 -5.79
CA VAL B 140 19.74 -7.29 -6.14
C VAL B 140 20.34 -6.64 -4.89
N LEU B 141 21.54 -7.10 -4.50
CA LEU B 141 22.28 -6.48 -3.41
C LEU B 141 23.08 -5.30 -3.88
N ASN B 142 22.78 -4.15 -3.27
CA ASN B 142 23.47 -2.90 -3.57
C ASN B 142 24.24 -2.36 -2.37
N TYR B 143 24.46 -3.22 -1.38
CA TYR B 143 25.03 -2.76 -0.12
C TYR B 143 26.39 -2.04 -0.27
N PRO B 144 27.34 -2.70 -0.94
CA PRO B 144 28.52 -1.99 -1.44
C PRO B 144 28.42 -1.85 -2.94
N VAL B 145 28.59 -0.65 -3.50
CA VAL B 145 28.40 -0.39 -4.95
C VAL B 145 26.91 -0.38 -5.30
N GLU B 146 26.57 -0.18 -6.58
CA GLU B 146 25.23 -0.41 -7.06
C GLU B 146 25.20 -1.67 -7.91
N LYS B 147 24.24 -2.55 -7.63
CA LYS B 147 24.19 -3.90 -8.24
C LYS B 147 25.47 -4.69 -7.93
N PHE B 148 25.80 -4.78 -6.63
CA PHE B 148 26.92 -5.57 -6.15
C PHE B 148 26.74 -7.02 -6.54
N MET B 149 25.57 -7.57 -6.24
CA MET B 149 25.33 -8.99 -6.42
C MET B 149 23.88 -9.29 -6.77
N THR B 150 23.65 -10.45 -7.40
CA THR B 150 22.29 -10.94 -7.63
C THR B 150 22.11 -12.34 -7.07
N LEU B 151 21.15 -12.50 -6.17
CA LEU B 151 20.86 -13.79 -5.56
C LEU B 151 19.52 -14.28 -6.10
N PRO B 152 19.53 -15.42 -6.80
CA PRO B 152 18.26 -16.10 -7.00
C PRO B 152 17.65 -16.49 -5.64
N VAL B 153 16.36 -16.24 -5.54
CA VAL B 153 15.62 -16.32 -4.28
C VAL B 153 14.22 -16.80 -4.58
N LYS B 154 13.59 -17.53 -3.66
CA LYS B 154 12.21 -17.91 -3.88
C LYS B 154 11.26 -17.74 -2.71
N LEU B 155 10.18 -17.05 -2.96
CA LEU B 155 9.23 -16.65 -1.91
C LEU B 155 7.98 -17.50 -1.97
N SER B 156 7.39 -17.73 -0.80
CA SER B 156 6.16 -18.52 -0.67
C SER B 156 5.09 -17.71 0.00
N ILE B 157 4.05 -17.41 -0.77
CA ILE B 157 2.82 -16.80 -0.28
C ILE B 157 1.86 -17.93 0.07
N SER B 158 1.42 -17.97 1.32
CA SER B 158 0.59 -19.07 1.82
C SER B 158 -0.37 -18.61 2.91
N ASP B 159 -1.13 -19.57 3.46
CA ASP B 159 -2.02 -19.37 4.60
C ASP B 159 -2.89 -18.13 4.42
N ILE B 160 -3.61 -18.06 3.29
CA ILE B 160 -4.43 -16.87 3.02
C ILE B 160 -5.72 -16.91 3.81
N GLY B 161 -5.97 -15.83 4.55
CA GLY B 161 -7.20 -15.67 5.31
C GLY B 161 -8.12 -14.69 4.61
N LEU B 162 -9.39 -15.06 4.56
CA LEU B 162 -10.39 -14.23 3.92
C LEU B 162 -11.73 -14.41 4.63
N HIS B 163 -12.50 -13.33 4.73
CA HIS B 163 -13.84 -13.40 5.32
C HIS B 163 -14.64 -12.22 4.80
N SER B 164 -15.37 -12.45 3.73
CA SER B 164 -15.94 -11.34 2.99
C SER B 164 -17.22 -11.68 2.26
N LEU B 165 -18.03 -10.65 2.06
CA LEU B 165 -19.22 -10.74 1.24
C LEU B 165 -18.85 -10.64 -0.23
N CYS B 166 -19.23 -11.68 -0.98
CA CYS B 166 -19.10 -11.70 -2.42
C CYS B 166 -20.47 -11.94 -3.05
N ILE B 167 -20.53 -11.85 -4.37
CA ILE B 167 -21.78 -12.14 -5.09
C ILE B 167 -21.50 -13.07 -6.26
N VAL B 168 -22.48 -13.94 -6.54
CA VAL B 168 -22.42 -14.81 -7.71
C VAL B 168 -23.70 -14.63 -8.55
N ALA B 169 -23.53 -14.15 -9.77
CA ALA B 169 -24.69 -13.76 -10.56
C ALA B 169 -24.84 -14.61 -11.85
N CYS B 170 -26.01 -15.22 -12.01
CA CYS B 170 -26.37 -15.87 -13.26
C CYS B 170 -27.16 -14.87 -14.12
N LEU B 171 -26.51 -14.41 -15.19
CA LEU B 171 -27.17 -13.66 -16.26
C LEU B 171 -26.94 -14.35 -17.55
N SER B 172 -28.06 -14.80 -18.07
CA SER B 172 -28.25 -15.72 -19.17
C SER B 172 -27.33 -15.77 -20.36
N LYS B 173 -26.45 -16.78 -20.36
CA LYS B 173 -26.13 -17.50 -19.13
C LYS B 173 -24.70 -17.25 -18.84
N GLN B 174 -24.35 -15.98 -18.75
CA GLN B 174 -23.02 -15.59 -18.32
C GLN B 174 -22.98 -15.69 -16.81
N LEU B 175 -21.80 -15.98 -16.28
CA LEU B 175 -21.62 -16.10 -14.84
C LEU B 175 -20.67 -15.05 -14.30
N PHE B 176 -21.09 -14.35 -13.26
CA PHE B 176 -20.29 -13.30 -12.65
C PHE B 176 -19.92 -13.71 -11.22
N LEU B 177 -18.64 -13.51 -10.87
CA LEU B 177 -18.17 -13.67 -9.51
C LEU B 177 -17.41 -12.42 -9.07
N SER B 178 -17.77 -11.86 -7.91
CA SER B 178 -17.09 -10.67 -7.40
C SER B 178 -17.13 -10.60 -5.89
N PHE B 179 -15.97 -10.33 -5.30
CA PHE B 179 -15.91 -10.04 -3.88
C PHE B 179 -16.28 -8.58 -3.64
N LEU B 180 -17.37 -8.37 -2.91
CA LEU B 180 -17.79 -7.02 -2.57
C LEU B 180 -16.89 -6.34 -1.55
N CYS B 181 -16.89 -6.87 -0.32
CA CYS B 181 -16.15 -6.21 0.76
C CYS B 181 -15.92 -7.19 1.90
N ASP B 182 -15.03 -6.84 2.82
CA ASP B 182 -14.83 -7.67 4.01
C ASP B 182 -16.04 -7.60 4.92
N VAL B 183 -16.29 -8.68 5.66
CA VAL B 183 -17.47 -8.83 6.52
C VAL B 183 -17.61 -7.71 7.55
N SER B 184 -16.47 -7.29 8.09
CA SER B 184 -16.46 -6.28 9.15
C SER B 184 -16.13 -4.87 8.64
N ASP B 185 -16.46 -4.60 7.38
CA ASP B 185 -16.27 -3.27 6.79
C ASP B 185 -17.23 -2.28 7.44
N PRO B 186 -16.69 -1.11 7.87
CA PRO B 186 -17.47 -0.09 8.57
C PRO B 186 -18.72 0.37 7.84
N ALA B 187 -18.71 0.31 6.50
CA ALA B 187 -19.86 0.70 5.67
C ALA B 187 -21.05 -0.25 5.81
N LEU B 188 -20.91 -1.22 6.72
CA LEU B 188 -21.97 -2.14 7.04
C LEU B 188 -22.52 -1.87 8.43
N ASP B 189 -21.82 -1.05 9.21
CA ASP B 189 -22.28 -0.65 10.56
C ASP B 189 -23.75 -0.19 10.76
N ASP B 190 -24.23 0.76 9.96
CA ASP B 190 -25.65 1.19 9.91
C ASP B 190 -26.70 0.06 9.96
N ASN B 191 -26.26 -1.17 9.68
CA ASN B 191 -27.09 -2.35 9.37
C ASN B 191 -27.97 -2.19 8.14
N GLN B 192 -27.38 -1.65 7.08
CA GLN B 192 -28.07 -1.53 5.79
C GLN B 192 -27.36 -2.39 4.75
N THR B 193 -28.16 -2.96 3.86
CA THR B 193 -27.71 -3.92 2.83
C THR B 193 -26.51 -3.48 2.00
N VAL B 194 -25.66 -4.45 1.67
CA VAL B 194 -24.52 -4.24 0.80
C VAL B 194 -24.98 -3.96 -0.62
N LEU B 195 -26.05 -4.64 -1.03
CA LEU B 195 -26.55 -4.59 -2.38
C LEU B 195 -27.18 -3.27 -2.75
N ASP B 196 -27.14 -2.31 -1.83
CA ASP B 196 -27.57 -0.97 -2.13
C ASP B 196 -26.56 -0.34 -3.10
N PRO B 197 -26.99 -0.06 -4.36
CA PRO B 197 -26.09 0.50 -5.37
C PRO B 197 -25.63 1.93 -5.08
N LYS B 198 -26.44 2.65 -4.33
CA LYS B 198 -26.12 4.03 -3.96
C LYS B 198 -25.35 4.06 -2.66
N GLY B 199 -25.28 2.91 -2.01
CA GLY B 199 -24.44 2.73 -0.83
C GLY B 199 -22.96 2.78 -1.15
N PRO B 200 -22.11 2.84 -0.12
CA PRO B 200 -20.67 3.05 -0.29
C PRO B 200 -19.98 1.90 -1.03
N ILE B 201 -20.24 0.66 -0.60
CA ILE B 201 -19.56 -0.52 -1.11
C ILE B 201 -19.71 -0.67 -2.63
N LEU B 202 -20.97 -0.64 -3.06
CA LEU B 202 -21.28 -0.87 -4.45
C LEU B 202 -20.95 0.30 -5.36
N ALA B 203 -21.09 1.51 -4.82
CA ALA B 203 -20.76 2.71 -5.57
C ALA B 203 -19.25 2.78 -5.85
N ALA B 204 -18.45 2.21 -4.94
CA ALA B 204 -16.99 2.10 -5.08
C ALA B 204 -16.33 3.46 -5.32
N THR B 205 -16.86 4.47 -4.64
CA THR B 205 -16.38 5.85 -4.77
C THR B 205 -15.26 6.15 -3.79
N LYS B 206 -15.17 5.37 -2.72
CA LYS B 206 -14.10 5.56 -1.72
C LYS B 206 -13.30 4.27 -1.50
N PRO B 207 -12.47 3.86 -2.48
CA PRO B 207 -11.72 2.58 -2.38
C PRO B 207 -10.70 2.59 -1.23
N LEU B 208 -10.21 3.79 -0.89
CA LEU B 208 -9.32 3.99 0.24
C LEU B 208 -9.90 3.53 1.57
N GLU B 209 -11.18 3.84 1.76
CA GLU B 209 -11.88 3.60 3.02
C GLU B 209 -12.38 2.16 3.17
N ARG B 210 -12.17 1.34 2.13
CA ARG B 210 -12.53 -0.07 2.18
C ARG B 210 -11.52 -0.90 2.93
N ILE B 211 -12.01 -1.82 3.76
CA ILE B 211 -11.16 -2.80 4.44
C ILE B 211 -10.72 -3.80 3.38
N SER B 212 -9.46 -4.22 3.49
CA SER B 212 -8.87 -5.17 2.55
C SER B 212 -9.59 -6.50 2.63
N ILE B 213 -9.88 -7.06 1.46
CA ILE B 213 -10.54 -8.36 1.31
C ILE B 213 -9.71 -9.44 1.97
N VAL B 214 -8.41 -9.40 1.68
CA VAL B 214 -7.42 -10.32 2.23
C VAL B 214 -7.12 -9.94 3.67
N ARG B 215 -7.53 -10.79 4.60
CA ARG B 215 -7.34 -10.53 6.02
C ARG B 215 -5.95 -10.86 6.50
N SER B 216 -5.47 -12.04 6.12
CA SER B 216 -4.13 -12.46 6.51
C SER B 216 -3.44 -13.13 5.33
N MET B 217 -2.12 -13.26 5.47
CA MET B 217 -1.29 -13.81 4.41
C MET B 217 0.08 -14.02 5.01
N LYS B 218 0.69 -15.14 4.66
CA LYS B 218 2.03 -15.44 5.16
C LYS B 218 3.03 -15.47 4.01
N ILE B 219 4.12 -14.74 4.18
CA ILE B 219 5.21 -14.77 3.20
C ILE B 219 6.50 -15.24 3.85
N GLU B 220 7.10 -16.28 3.28
CA GLU B 220 8.44 -16.69 3.67
C GLU B 220 9.37 -16.65 2.46
N THR B 221 10.68 -16.61 2.69
CA THR B 221 11.64 -16.57 1.60
C THR B 221 12.76 -17.58 1.81
N GLU B 222 13.11 -18.27 0.72
CA GLU B 222 14.25 -19.14 0.72
C GLU B 222 15.41 -18.50 0.01
N ILE B 223 16.49 -18.32 0.78
CA ILE B 223 17.76 -17.78 0.32
C ILE B 223 18.83 -18.83 0.55
N GLY B 224 20.00 -18.62 -0.06
CA GLY B 224 21.15 -19.50 0.13
C GLY B 224 21.62 -19.48 1.57
N GLU B 225 21.98 -20.64 2.05
CA GLU B 225 22.53 -20.83 3.40
C GLU B 225 23.67 -19.86 3.66
N GLN B 226 24.40 -19.59 2.59
CA GLN B 226 25.54 -18.73 2.58
C GLN B 226 25.20 -17.30 2.98
N TYR B 227 23.95 -16.89 2.82
CA TYR B 227 23.59 -15.48 2.99
C TYR B 227 22.80 -15.22 4.25
N GLN B 228 22.53 -16.28 5.01
CA GLN B 228 21.69 -16.17 6.19
C GLN B 228 22.31 -15.31 7.30
N GLY B 229 23.64 -15.16 7.24
CA GLY B 229 24.38 -14.34 8.18
C GLY B 229 24.22 -12.84 7.97
N GLN B 230 24.36 -12.42 6.72
CA GLN B 230 24.44 -11.00 6.37
C GLN B 230 23.10 -10.27 6.55
N GLY B 231 23.17 -9.13 7.25
CA GLY B 231 22.00 -8.32 7.57
C GLY B 231 21.53 -7.49 6.40
N SER B 232 22.45 -7.15 5.50
CA SER B 232 22.09 -6.42 4.27
C SER B 232 21.15 -7.22 3.40
N VAL B 233 21.51 -8.49 3.22
CA VAL B 233 20.69 -9.44 2.51
C VAL B 233 19.32 -9.56 3.16
N LEU B 234 19.31 -9.81 4.47
CA LEU B 234 18.08 -9.98 5.22
C LEU B 234 17.13 -8.77 5.06
N ARG B 235 17.71 -7.57 5.09
CA ARG B 235 16.97 -6.33 4.87
C ARG B 235 16.38 -6.24 3.47
N SER B 236 17.19 -6.58 2.46
CA SER B 236 16.74 -6.57 1.06
C SER B 236 15.57 -7.54 0.91
N VAL B 237 15.71 -8.73 1.52
CA VAL B 237 14.67 -9.77 1.50
C VAL B 237 13.39 -9.27 2.14
N GLY B 238 13.52 -8.55 3.27
CA GLY B 238 12.39 -7.95 3.94
C GLY B 238 11.63 -7.00 3.04
N GLU B 239 12.38 -6.07 2.43
CA GLU B 239 11.83 -5.10 1.49
C GLU B 239 11.09 -5.83 0.35
N LEU B 240 11.71 -6.88 -0.19
CA LEU B 240 11.13 -7.66 -1.27
C LEU B 240 9.84 -8.37 -0.86
N GLU B 241 9.84 -8.90 0.36
CA GLU B 241 8.67 -9.57 0.93
C GLU B 241 7.49 -8.62 1.00
N GLN B 242 7.75 -7.41 1.52
CA GLN B 242 6.73 -6.37 1.61
C GLN B 242 6.19 -5.99 0.25
N PHE B 243 7.12 -5.72 -0.67
CA PHE B 243 6.78 -5.38 -2.05
C PHE B 243 5.88 -6.43 -2.70
N LEU B 244 6.26 -7.70 -2.56
CA LEU B 244 5.50 -8.79 -3.14
C LEU B 244 4.11 -8.94 -2.50
N PHE B 245 4.04 -8.73 -1.18
CA PHE B 245 2.78 -8.72 -0.45
C PHE B 245 1.81 -7.71 -1.07
N THR B 246 2.24 -6.45 -1.16
CA THR B 246 1.42 -5.38 -1.74
C THR B 246 1.04 -5.64 -3.19
N ILE B 247 1.99 -6.16 -3.97
CA ILE B 247 1.77 -6.48 -5.37
C ILE B 247 0.65 -7.52 -5.52
N PHE B 248 0.76 -8.59 -4.74
CA PHE B 248 -0.21 -9.67 -4.81
C PHE B 248 -1.61 -9.20 -4.42
N LYS B 249 -1.71 -8.43 -3.33
CA LYS B 249 -2.99 -7.91 -2.88
C LYS B 249 -3.62 -6.99 -3.93
N ASP B 250 -2.76 -6.20 -4.58
CA ASP B 250 -3.16 -5.33 -5.64
C ASP B 250 -3.80 -6.16 -6.79
N PHE B 251 -3.06 -7.19 -7.22
CA PHE B 251 -3.52 -8.11 -8.25
C PHE B 251 -4.91 -8.71 -7.92
N LEU B 252 -5.05 -9.22 -6.70
CA LEU B 252 -6.32 -9.75 -6.21
C LEU B 252 -7.47 -8.75 -6.23
N ARG B 253 -7.15 -7.51 -5.86
CA ARG B 253 -8.14 -6.43 -5.92
C ARG B 253 -8.58 -6.10 -7.34
N LYS B 254 -7.63 -6.15 -8.26
CA LYS B 254 -7.84 -5.82 -9.66
C LYS B 254 -8.55 -6.97 -10.41
N GLU B 255 -8.55 -8.16 -9.84
CA GLU B 255 -9.10 -9.33 -10.53
C GLU B 255 -10.43 -9.80 -9.98
N LEU B 256 -10.61 -9.57 -8.66
CA LEU B 256 -11.73 -10.17 -7.92
C LEU B 256 -12.59 -9.23 -7.13
N ALA B 257 -12.04 -8.10 -6.75
CA ALA B 257 -12.72 -7.20 -5.87
C ALA B 257 -13.56 -6.20 -6.64
N TRP B 258 -14.83 -6.07 -6.25
CA TRP B 258 -15.74 -5.07 -6.81
C TRP B 258 -15.05 -3.68 -6.78
N PRO B 259 -15.16 -2.89 -7.85
CA PRO B 259 -16.00 -3.13 -9.03
C PRO B 259 -15.46 -4.10 -10.07
N SER B 260 -14.30 -4.70 -9.85
CA SER B 260 -13.77 -5.74 -10.76
C SER B 260 -14.53 -7.02 -10.52
N TRP B 261 -14.49 -7.93 -11.51
CA TRP B 261 -15.10 -9.24 -11.36
C TRP B 261 -14.53 -10.28 -12.30
N ILE B 262 -14.84 -11.55 -12.00
CA ILE B 262 -14.57 -12.67 -12.89
C ILE B 262 -15.78 -13.02 -13.73
N ASN B 263 -15.62 -12.85 -15.05
CA ASN B 263 -16.69 -13.06 -16.01
C ASN B 263 -16.51 -14.35 -16.80
N LEU B 264 -17.58 -15.14 -16.84
CA LEU B 264 -17.67 -16.36 -17.65
C LEU B 264 -18.81 -16.32 -18.68
N ASP B 265 -18.49 -16.44 -19.97
CA ASP B 265 -19.50 -16.39 -21.04
C ASP B 265 -19.65 -17.77 -21.69
N PHE B 266 -20.91 -18.24 -21.76
CA PHE B 266 -21.19 -19.58 -22.27
C PHE B 266 -22.15 -19.50 -23.46
#